data_2ZI2
#
_entry.id   2ZI2
#
_cell.length_a   70.5
_cell.length_b   71.6
_cell.length_c   72.6
_cell.angle_alpha   90.00
_cell.angle_beta   100.6
_cell.angle_gamma   90.00
#
_symmetry.space_group_name_H-M   'C 1 2 1'
#
loop_
_entity.id
_entity.type
_entity.pdbx_description
1 polymer 'Thrombin light chain'
2 polymer 'Thrombin heavy chain'
3 polymer 'Hirudin variant-1'
4 non-polymer 'SODIUM ION'
5 non-polymer 1-butanoyl-N-(4-carbamimidoylbenzyl)-L-prolinamide
6 non-polymer BENZAMIDINE
7 water water
#
loop_
_entity_poly.entity_id
_entity_poly.type
_entity_poly.pdbx_seq_one_letter_code
_entity_poly.pdbx_strand_id
1 'polypeptide(L)' TFGSGEADCGLRPLFEKKSLEDKTERELLESYIDGR L
2 'polypeptide(L)'
;IVEGSDAEIGMSPWQVMLFRKSPQELLCGASLISDRWVLTAAHCLLYPPWDKNFTENDLLVRIGKHSRTRYERNIEKISM
LEKIYIHPRYNWRENLDRDIALMKLKKPVAFSDYIHPVCLPDRETAASLLQAGYKGRVTGWGNLKETWTANVGKGQPSVL
QVVNLPIVERPVCKDSTRIRITDNMFCAGYKPDEGKRGDACEGDSGGPFVMKSPFNNRWYQMGIVSWGEGCDRDGKYGFY
THVFRLKKWIQKVIDQFGE
;
H
3 'polypeptide(L)' GDFEEIPEE(TYS)L I
#
loop_
_chem_comp.id
_chem_comp.type
_chem_comp.name
_chem_comp.formula
24U non-polymer 1-butanoyl-N-(4-carbamimidoylbenzyl)-L-prolinamide 'C17 H24 N4 O2'
BEN non-polymer BENZAMIDINE 'C7 H8 N2'
NA non-polymer 'SODIUM ION' 'Na 1'
#
# COMPACT_ATOMS: atom_id res chain seq x y z
N ALA A 7 -0.02 -17.03 9.84
CA ALA A 7 -0.01 -18.43 9.47
C ALA A 7 -0.38 -18.61 8.00
N ASP A 8 -1.51 -17.99 7.68
CA ASP A 8 -2.19 -18.05 6.42
C ASP A 8 -1.94 -16.81 5.55
N CYS A 9 -1.05 -15.95 6.04
CA CYS A 9 -0.90 -14.66 5.37
C CYS A 9 -0.49 -14.84 3.93
N GLY A 10 -0.92 -13.91 3.08
CA GLY A 10 -0.30 -13.84 1.78
C GLY A 10 -0.84 -14.83 0.78
N LEU A 11 -1.81 -15.67 1.16
CA LEU A 11 -2.43 -16.67 0.32
C LEU A 11 -3.86 -16.24 0.01
N ARG A 12 -4.14 -15.86 -1.22
CA ARG A 12 -5.43 -15.18 -1.46
C ARG A 12 -6.51 -16.25 -1.64
N PRO A 13 -7.65 -16.12 -1.00
CA PRO A 13 -8.74 -17.09 -1.20
C PRO A 13 -9.14 -17.28 -2.63
N LEU A 14 -9.13 -16.28 -3.51
CA LEU A 14 -9.65 -16.39 -4.87
CA LEU A 14 -9.67 -16.52 -4.85
C LEU A 14 -8.58 -16.78 -5.88
N PHE A 15 -7.35 -16.90 -5.38
CA PHE A 15 -6.20 -17.17 -6.25
C PHE A 15 -5.36 -18.28 -5.68
N GLU A 16 -4.31 -18.03 -4.87
CA GLU A 16 -3.49 -19.12 -4.37
C GLU A 16 -4.27 -20.27 -3.73
N LYS A 17 -5.30 -19.96 -2.93
CA LYS A 17 -5.96 -21.07 -2.24
C LYS A 17 -6.72 -21.96 -3.23
N LYS A 18 -7.04 -21.50 -4.42
CA LYS A 18 -7.78 -22.24 -5.43
C LYS A 18 -6.86 -22.70 -6.58
N SER A 19 -5.57 -22.39 -6.41
CA SER A 19 -4.56 -22.57 -7.44
C SER A 19 -4.95 -21.87 -8.74
N LEU A 20 -5.50 -20.67 -8.64
CA LEU A 20 -5.79 -19.81 -9.78
C LEU A 20 -4.76 -18.68 -9.80
N GLU A 21 -4.29 -18.31 -10.97
CA GLU A 21 -3.33 -17.23 -11.15
C GLU A 21 -4.07 -15.97 -11.58
N ASP A 22 -3.60 -14.80 -11.12
CA ASP A 22 -4.18 -13.57 -11.67
C ASP A 22 -3.53 -13.26 -13.00
N LYS A 23 -4.12 -12.31 -13.71
CA LYS A 23 -3.71 -12.01 -15.08
C LYS A 23 -2.29 -11.48 -15.24
N THR A 24 -1.62 -10.92 -14.24
CA THR A 24 -0.29 -10.39 -14.47
C THR A 24 0.74 -10.83 -13.43
N GLU A 25 0.41 -11.74 -12.50
CA GLU A 25 1.43 -12.12 -11.52
C GLU A 25 2.65 -12.76 -12.16
N ARG A 26 2.45 -13.35 -13.36
CA ARG A 26 3.63 -13.99 -13.97
C ARG A 26 4.68 -12.98 -14.40
N GLU A 27 4.30 -11.74 -14.70
CA GLU A 27 5.27 -10.66 -14.97
C GLU A 27 6.23 -10.47 -13.80
N LEU A 28 5.68 -10.59 -12.58
CA LEU A 28 6.55 -10.48 -11.40
C LEU A 28 7.52 -11.67 -11.34
N LEU A 29 6.96 -12.88 -11.42
CA LEU A 29 7.80 -14.07 -11.39
CA LEU A 29 7.80 -14.06 -11.40
C LEU A 29 8.92 -13.96 -12.43
N GLU A 30 8.56 -13.55 -13.65
CA GLU A 30 9.58 -13.54 -14.70
C GLU A 30 10.69 -12.53 -14.44
N SER A 31 10.46 -11.56 -13.54
CA SER A 31 11.53 -10.59 -13.23
C SER A 31 12.44 -11.03 -12.10
N TYR A 32 12.14 -12.12 -11.41
CA TYR A 32 12.89 -12.65 -10.26
C TYR A 32 13.95 -13.61 -10.77
N ILE A 33 14.99 -13.03 -11.35
CA ILE A 33 15.87 -13.76 -12.24
C ILE A 33 17.26 -14.00 -11.65
N ILE B 1 -3.34 5.50 -9.08
CA ILE B 1 -2.43 4.80 -9.96
C ILE B 1 -2.55 5.29 -11.40
N VAL B 2 -1.42 5.68 -11.95
CA VAL B 2 -1.24 6.12 -13.33
C VAL B 2 -0.83 4.97 -14.23
N GLU B 3 -1.56 4.76 -15.33
CA GLU B 3 -1.13 3.76 -16.32
C GLU B 3 -1.21 2.35 -15.76
N GLY B 4 -2.13 2.20 -14.81
CA GLY B 4 -2.42 0.90 -14.23
C GLY B 4 -3.61 0.24 -14.92
N SER B 5 -4.14 -0.80 -14.30
CA SER B 5 -5.38 -1.40 -14.80
C SER B 5 -6.37 -1.72 -13.71
N ASP B 6 -7.63 -2.07 -14.08
CA ASP B 6 -8.57 -2.43 -13.05
C ASP B 6 -8.12 -3.72 -12.36
N ALA B 7 -8.18 -3.74 -11.05
CA ALA B 7 -7.91 -4.97 -10.31
C ALA B 7 -8.92 -6.07 -10.60
N GLU B 8 -8.51 -7.31 -10.47
CA GLU B 8 -9.46 -8.44 -10.47
C GLU B 8 -10.16 -8.52 -9.14
N ILE B 9 -11.38 -9.07 -9.06
CA ILE B 9 -11.98 -9.28 -7.75
C ILE B 9 -11.09 -10.18 -6.88
N GLY B 10 -10.87 -9.74 -5.63
CA GLY B 10 -10.05 -10.46 -4.68
C GLY B 10 -8.57 -10.54 -4.98
N MET B 11 -8.10 -9.71 -5.92
CA MET B 11 -6.68 -9.74 -6.28
C MET B 11 -5.75 -9.18 -5.20
N SER B 12 -6.31 -8.32 -4.36
CA SER B 12 -5.56 -7.63 -3.30
C SER B 12 -6.35 -7.48 -2.03
N PRO B 13 -6.67 -8.62 -1.40
CA PRO B 13 -7.65 -8.72 -0.33
C PRO B 13 -7.14 -8.12 0.98
N TRP B 14 -5.87 -7.69 1.01
CA TRP B 14 -5.26 -6.96 2.11
C TRP B 14 -5.41 -5.45 1.90
N GLN B 15 -5.91 -5.00 0.77
CA GLN B 15 -6.02 -3.56 0.52
C GLN B 15 -7.02 -2.92 1.48
N VAL B 16 -6.64 -1.79 2.05
CA VAL B 16 -7.54 -1.14 3.05
C VAL B 16 -7.72 0.29 2.56
N MET B 17 -8.92 0.82 2.71
CA MET B 17 -9.15 2.23 2.36
C MET B 17 -9.29 3.01 3.68
N LEU B 18 -8.48 4.04 3.89
CA LEU B 18 -8.62 4.94 5.02
C LEU B 18 -9.64 6.01 4.60
N PHE B 19 -10.66 6.15 5.44
CA PHE B 19 -11.84 6.92 5.08
C PHE B 19 -12.15 7.96 6.16
N ARG B 20 -12.32 9.18 5.65
CA ARG B 20 -12.68 10.33 6.47
C ARG B 20 -14.18 10.30 6.78
N LYS B 21 -14.55 10.45 8.05
CA LYS B 21 -15.96 10.43 8.46
C LYS B 21 -16.76 11.64 8.04
N SER B 22 -16.15 12.82 8.02
CA SER B 22 -16.92 14.01 7.64
C SER B 22 -15.93 15.10 7.27
N PRO B 23 -15.89 15.55 6.02
CA PRO B 23 -16.71 15.06 4.91
C PRO B 23 -16.27 13.67 4.45
N GLN B 24 -17.24 12.81 4.16
CA GLN B 24 -16.95 11.39 3.95
C GLN B 24 -16.18 11.27 2.65
N GLU B 25 -14.91 10.86 2.72
CA GLU B 25 -14.09 10.78 1.53
C GLU B 25 -12.85 9.92 1.76
N LEU B 26 -12.27 9.42 0.68
CA LEU B 26 -11.04 8.64 0.78
C LEU B 26 -9.93 9.52 1.32
N LEU B 27 -9.13 8.98 2.24
CA LEU B 27 -7.98 9.76 2.68
C LEU B 27 -6.70 9.16 2.14
N CYS B 28 -6.66 7.83 2.14
CA CYS B 28 -5.39 7.15 1.84
C CYS B 28 -5.66 5.65 1.67
N GLY B 29 -4.62 4.96 1.23
CA GLY B 29 -4.63 3.48 1.20
C GLY B 29 -3.96 2.98 2.45
N ALA B 30 -3.92 1.66 2.59
CA ALA B 30 -3.45 0.99 3.78
C ALA B 30 -3.49 -0.52 3.54
N SER B 31 -2.99 -1.28 4.49
CA SER B 31 -3.04 -2.72 4.28
C SER B 31 -3.31 -3.48 5.58
N LEU B 32 -4.00 -4.61 5.37
CA LEU B 32 -4.33 -5.47 6.50
C LEU B 32 -3.21 -6.49 6.75
N ILE B 33 -2.64 -6.47 7.95
CA ILE B 33 -1.52 -7.36 8.27
C ILE B 33 -1.94 -8.38 9.33
N SER B 34 -3.13 -8.24 9.91
CA SER B 34 -3.64 -9.35 10.75
C SER B 34 -5.10 -9.08 10.99
N ASP B 35 -5.79 -9.80 11.87
CA ASP B 35 -7.22 -9.50 12.00
C ASP B 35 -7.47 -8.22 12.79
N ARG B 36 -6.41 -7.65 13.40
CA ARG B 36 -6.71 -6.38 14.10
C ARG B 36 -5.70 -5.27 13.83
N TRP B 37 -4.73 -5.42 12.92
CA TRP B 37 -3.70 -4.40 12.66
C TRP B 37 -3.69 -3.98 11.20
N VAL B 38 -3.68 -2.68 10.95
CA VAL B 38 -3.63 -2.10 9.61
C VAL B 38 -2.38 -1.24 9.51
N LEU B 39 -1.64 -1.38 8.42
CA LEU B 39 -0.38 -0.67 8.19
C LEU B 39 -0.65 0.48 7.22
N THR B 40 -0.04 1.66 7.46
CA THR B 40 -0.20 2.77 6.51
C THR B 40 1.05 3.68 6.54
N ALA B 41 0.98 4.76 5.80
CA ALA B 41 2.01 5.79 5.81
C ALA B 41 1.74 6.79 6.92
N ALA B 42 2.80 7.21 7.62
CA ALA B 42 2.58 8.22 8.66
C ALA B 42 1.98 9.51 8.10
N HIS B 43 2.41 9.93 6.93
CA HIS B 43 2.01 11.22 6.36
C HIS B 43 0.51 11.22 6.08
N CYS B 44 -0.15 10.07 5.93
CA CYS B 44 -1.59 10.00 5.84
C CYS B 44 -2.27 10.49 7.11
N LEU B 45 -1.54 10.44 8.22
CA LEU B 45 -2.16 10.76 9.49
C LEU B 45 -1.61 12.05 10.09
N LEU B 46 -0.32 12.29 9.87
CA LEU B 46 0.35 13.44 10.49
C LEU B 46 1.23 14.13 9.47
N TYR B 47 0.91 15.37 9.09
CA TYR B 47 1.74 16.13 8.18
C TYR B 47 1.52 17.63 8.46
N PRO B 48 2.24 18.12 9.48
CA PRO B 48 2.06 19.54 9.88
C PRO B 48 2.18 20.56 8.76
N PRO B 49 3.03 20.52 7.75
CA PRO B 49 3.05 21.53 6.72
C PRO B 49 1.68 21.72 6.05
N TRP B 50 0.89 20.65 6.02
CA TRP B 50 -0.46 20.73 5.45
C TRP B 50 -1.53 20.76 6.51
N ASP B 51 -1.16 21.04 7.77
CA ASP B 51 -2.18 21.09 8.81
C ASP B 51 -2.98 19.79 8.92
N LYS B 52 -2.30 18.67 8.70
CA LYS B 52 -2.89 17.35 8.84
C LYS B 52 -2.43 16.68 10.13
N ASN B 53 -3.43 16.29 10.94
CA ASN B 53 -3.19 15.63 12.21
C ASN B 53 -4.46 14.89 12.62
N PHE B 54 -4.64 13.68 12.07
CA PHE B 54 -5.92 13.01 12.33
C PHE B 54 -5.86 12.19 13.61
N THR B 55 -7.00 12.07 14.27
CA THR B 55 -7.03 11.20 15.45
C THR B 55 -7.98 10.02 15.16
N GLU B 56 -7.94 9.03 16.02
CA GLU B 56 -8.74 7.80 15.87
C GLU B 56 -10.16 8.10 15.46
N ASN B 57 -10.78 9.04 16.20
CA ASN B 57 -12.20 9.29 15.98
C ASN B 57 -12.49 10.03 14.69
N ASP B 58 -11.48 10.48 13.93
CA ASP B 58 -11.77 11.15 12.68
C ASP B 58 -11.96 10.17 11.52
N LEU B 59 -11.62 8.91 11.75
CA LEU B 59 -11.46 7.94 10.70
C LEU B 59 -12.10 6.58 10.89
N LEU B 60 -12.26 5.94 9.72
CA LEU B 60 -12.69 4.57 9.60
C LEU B 60 -11.76 3.82 8.62
N VAL B 61 -11.66 2.52 8.84
CA VAL B 61 -11.01 1.63 7.85
C VAL B 61 -12.09 0.88 7.07
N ARG B 62 -11.97 0.81 5.74
CA ARG B 62 -12.87 0.01 4.91
C ARG B 62 -12.07 -1.11 4.22
N ILE B 63 -12.48 -2.34 4.51
CA ILE B 63 -11.69 -3.51 4.09
C ILE B 63 -12.53 -4.35 3.16
N GLY B 64 -11.97 -4.99 2.15
CA GLY B 64 -12.63 -5.89 1.25
C GLY B 64 -13.21 -5.15 0.07
N LYS B 65 -12.79 -3.90 -0.16
CA LYS B 65 -13.38 -3.13 -1.19
C LYS B 65 -12.79 -3.34 -2.59
N HIS B 66 -13.62 -3.00 -3.56
CA HIS B 66 -13.25 -2.95 -4.95
C HIS B 66 -13.60 -1.59 -5.55
N SER B 67 -14.91 -1.27 -5.46
CA SER B 67 -15.32 0.05 -5.92
C SER B 67 -14.79 1.14 -5.00
N ARG B 68 -14.36 2.23 -5.62
CA ARG B 68 -13.93 3.41 -4.84
C ARG B 68 -15.08 4.02 -4.04
N THR B 69 -16.15 4.40 -4.74
CA THR B 69 -17.21 5.24 -4.19
C THR B 69 -18.37 4.51 -3.56
N ARG B 70 -18.68 3.33 -4.07
CA ARG B 70 -19.88 2.61 -3.63
C ARG B 70 -19.75 1.97 -2.27
N TYR B 71 -20.89 1.82 -1.59
CA TYR B 71 -20.91 1.06 -0.34
C TYR B 71 -21.16 -0.39 -0.73
N GLU B 72 -20.17 -1.25 -0.54
CA GLU B 72 -20.23 -2.64 -1.08
C GLU B 72 -20.77 -3.60 -0.05
N ARG B 73 -22.13 -3.53 -0.04
CA ARG B 73 -22.94 -4.26 0.90
C ARG B 73 -22.66 -5.77 0.83
N ASN B 74 -22.54 -6.38 2.00
CA ASN B 74 -22.31 -7.80 2.15
C ASN B 74 -20.90 -8.19 1.71
N ILE B 75 -20.07 -7.19 1.43
CA ILE B 75 -18.72 -7.53 0.92
C ILE B 75 -17.69 -6.77 1.75
N GLU B 76 -17.73 -5.43 1.68
CA GLU B 76 -16.81 -4.69 2.55
C GLU B 76 -17.22 -4.75 4.02
N LYS B 77 -16.20 -4.50 4.82
CA LYS B 77 -16.39 -4.36 6.24
C LYS B 77 -15.80 -3.00 6.65
N ILE B 78 -16.47 -2.32 7.58
CA ILE B 78 -15.99 -0.99 7.99
C ILE B 78 -15.62 -1.07 9.45
N SER B 79 -14.42 -0.59 9.80
CA SER B 79 -13.91 -0.78 11.15
C SER B 79 -13.49 0.56 11.77
N MET B 80 -13.66 0.66 13.07
CA MET B 80 -13.29 1.79 13.91
C MET B 80 -11.91 1.62 14.48
N LEU B 81 -11.20 2.75 14.65
CA LEU B 81 -9.87 2.65 15.19
C LEU B 81 -9.85 2.78 16.72
N GLU B 82 -9.17 1.84 17.36
CA GLU B 82 -8.83 1.87 18.76
C GLU B 82 -7.63 2.77 18.99
N LYS B 83 -6.59 2.63 18.14
CA LYS B 83 -5.40 3.42 18.45
C LYS B 83 -4.49 3.52 17.23
N ILE B 84 -3.92 4.71 17.03
CA ILE B 84 -2.91 4.98 16.01
C ILE B 84 -1.52 5.02 16.62
N TYR B 85 -0.54 4.39 15.96
CA TYR B 85 0.85 4.47 16.38
C TYR B 85 1.72 5.02 15.25
N ILE B 86 2.41 6.13 15.46
CA ILE B 86 3.28 6.70 14.41
C ILE B 86 4.72 6.44 14.79
N HIS B 87 5.60 6.13 13.82
CA HIS B 87 6.98 5.89 14.16
C HIS B 87 7.54 7.11 14.91
N PRO B 88 8.20 6.88 16.03
CA PRO B 88 8.68 8.04 16.82
C PRO B 88 9.75 8.86 16.12
N ARG B 89 10.42 8.32 15.10
CA ARG B 89 11.45 9.01 14.31
C ARG B 89 11.00 9.29 12.89
N TYR B 90 9.69 9.28 12.65
CA TYR B 90 9.18 9.75 11.36
C TYR B 90 9.60 11.19 11.08
N ASN B 91 10.28 11.45 10.01
CA ASN B 91 10.84 12.77 9.70
C ASN B 91 9.97 13.53 8.72
N TRP B 92 8.88 14.14 9.20
CA TRP B 92 8.04 14.94 8.32
C TRP B 92 8.68 16.31 8.04
N ARG B 93 9.69 16.67 8.87
CA ARG B 93 10.25 18.01 8.57
C ARG B 93 11.09 18.04 7.33
N GLU B 94 11.79 16.94 7.02
CA GLU B 94 12.75 16.96 5.93
C GLU B 94 12.36 16.12 4.72
N ASN B 95 12.40 14.79 4.89
CA ASN B 95 12.26 13.92 3.72
C ASN B 95 11.29 12.76 3.90
N LEU B 96 10.47 12.75 4.93
CA LEU B 96 9.52 11.65 5.15
CA LEU B 96 9.51 11.65 5.15
C LEU B 96 10.21 10.33 5.45
N ASP B 97 11.43 10.39 6.00
CA ASP B 97 12.11 9.20 6.47
C ASP B 97 11.28 8.46 7.51
N ARG B 98 11.21 7.13 7.47
CA ARG B 98 10.43 6.30 8.39
C ARG B 98 8.94 6.64 8.32
N ASP B 99 8.44 6.72 7.08
CA ASP B 99 7.05 7.09 6.84
C ASP B 99 6.10 5.89 7.03
N ILE B 100 5.76 5.62 8.29
CA ILE B 100 5.05 4.38 8.60
C ILE B 100 4.20 4.58 9.86
N ALA B 101 3.02 3.96 9.88
CA ALA B 101 2.13 4.05 11.05
C ALA B 101 1.36 2.73 11.14
N LEU B 102 0.99 2.30 12.33
CA LEU B 102 0.11 1.18 12.62
C LEU B 102 -1.20 1.68 13.19
N MET B 103 -2.28 1.01 12.84
CA MET B 103 -3.60 1.37 13.36
C MET B 103 -4.21 0.09 13.95
N LYS B 104 -4.59 0.15 15.22
CA LYS B 104 -5.18 -1.05 15.84
C LYS B 104 -6.69 -0.90 15.73
N LEU B 105 -7.39 -1.94 15.29
CA LEU B 105 -8.85 -1.87 15.17
C LEU B 105 -9.51 -2.18 16.51
N LYS B 106 -10.69 -1.58 16.68
CA LYS B 106 -11.48 -1.78 17.90
C LYS B 106 -11.94 -3.23 18.04
N LYS B 107 -12.35 -3.86 16.94
CA LYS B 107 -12.66 -5.29 16.99
C LYS B 107 -11.98 -6.04 15.84
N PRO B 108 -11.74 -7.31 15.98
CA PRO B 108 -11.13 -8.07 14.87
C PRO B 108 -12.06 -8.08 13.66
N VAL B 109 -11.49 -8.07 12.45
CA VAL B 109 -12.31 -8.13 11.24
C VAL B 109 -12.37 -9.60 10.78
N ALA B 110 -13.49 -9.94 10.15
CA ALA B 110 -13.69 -11.31 9.71
C ALA B 110 -13.13 -11.48 8.30
N PHE B 111 -12.30 -12.53 8.15
CA PHE B 111 -11.65 -12.83 6.88
C PHE B 111 -12.72 -13.46 5.98
N SER B 112 -12.55 -13.34 4.68
CA SER B 112 -13.50 -13.76 3.67
C SER B 112 -12.76 -13.90 2.35
N ASP B 113 -13.49 -14.12 1.25
CA ASP B 113 -12.86 -14.20 -0.06
C ASP B 113 -12.20 -12.88 -0.47
N TYR B 114 -12.67 -11.78 0.09
CA TYR B 114 -12.24 -10.45 -0.29
C TYR B 114 -11.38 -9.74 0.76
N ILE B 115 -11.24 -10.36 1.91
CA ILE B 115 -10.57 -9.83 3.11
C ILE B 115 -9.57 -10.82 3.67
N HIS B 116 -8.28 -10.52 3.52
CA HIS B 116 -7.26 -11.46 3.97
C HIS B 116 -5.90 -10.78 4.17
N PRO B 117 -5.14 -11.06 5.20
CA PRO B 117 -3.92 -10.31 5.48
C PRO B 117 -2.76 -10.68 4.55
N VAL B 118 -1.89 -9.71 4.30
CA VAL B 118 -0.65 -9.90 3.53
C VAL B 118 0.46 -10.27 4.50
N CYS B 119 1.53 -10.92 4.05
CA CYS B 119 2.65 -11.18 4.91
C CYS B 119 3.64 -9.99 5.01
N LEU B 120 4.33 -9.94 6.13
CA LEU B 120 5.44 -8.97 6.23
C LEU B 120 6.73 -9.76 6.13
N PRO B 121 7.69 -9.17 5.43
CA PRO B 121 8.94 -9.84 5.09
C PRO B 121 9.82 -10.16 6.30
N ASP B 122 10.45 -11.33 6.22
CA ASP B 122 11.57 -11.72 7.05
C ASP B 122 12.84 -11.23 6.39
N ARG B 123 13.98 -11.21 7.08
CA ARG B 123 15.21 -10.76 6.46
C ARG B 123 15.57 -11.53 5.21
N GLU B 124 15.29 -12.84 5.15
CA GLU B 124 15.77 -13.60 3.99
C GLU B 124 14.93 -13.29 2.77
N THR B 125 13.60 -13.17 2.93
CA THR B 125 12.75 -12.78 1.81
C THR B 125 13.13 -11.40 1.28
N ALA B 126 13.37 -10.45 2.19
CA ALA B 126 13.72 -9.09 1.75
C ALA B 126 15.04 -9.08 0.98
N ALA B 127 16.00 -9.83 1.53
CA ALA B 127 17.29 -9.88 0.84
C ALA B 127 17.14 -10.44 -0.55
N SER B 128 16.32 -11.50 -0.64
CA SER B 128 16.19 -12.14 -1.94
C SER B 128 15.39 -11.32 -2.94
N LEU B 129 14.38 -10.57 -2.46
CA LEU B 129 13.45 -9.96 -3.40
C LEU B 129 13.71 -8.49 -3.69
N LEU B 130 14.36 -7.79 -2.74
CA LEU B 130 14.53 -6.37 -3.01
C LEU B 130 15.78 -6.10 -3.82
N GLN B 131 15.72 -6.35 -5.12
CA GLN B 131 16.82 -6.22 -6.05
C GLN B 131 16.39 -5.40 -7.26
N ALA B 132 17.30 -4.54 -7.74
CA ALA B 132 16.99 -3.76 -8.93
C ALA B 132 16.47 -4.66 -10.04
N GLY B 133 15.42 -4.29 -10.77
CA GLY B 133 14.85 -5.02 -11.88
C GLY B 133 13.72 -5.94 -11.42
N TYR B 134 13.74 -6.33 -10.14
CA TYR B 134 12.64 -7.19 -9.66
C TYR B 134 11.37 -6.36 -9.58
N LYS B 135 10.25 -6.89 -10.03
CA LYS B 135 8.98 -6.17 -10.00
C LYS B 135 8.13 -6.47 -8.78
N GLY B 136 7.49 -5.40 -8.29
CA GLY B 136 6.43 -5.58 -7.30
C GLY B 136 5.18 -4.93 -7.87
N ARG B 137 4.17 -4.87 -7.02
CA ARG B 137 2.86 -4.43 -7.43
C ARG B 137 2.30 -3.40 -6.49
N VAL B 138 1.74 -2.33 -7.07
CA VAL B 138 1.14 -1.34 -6.15
CA VAL B 138 1.15 -1.29 -6.21
C VAL B 138 -0.33 -1.16 -6.50
N THR B 139 -1.17 -0.94 -5.49
CA THR B 139 -2.61 -0.92 -5.68
C THR B 139 -3.17 0.31 -5.03
N GLY B 140 -4.27 0.84 -5.60
CA GLY B 140 -4.83 1.99 -4.86
C GLY B 140 -6.01 2.62 -5.59
N TRP B 141 -6.75 3.46 -4.87
CA TRP B 141 -7.83 4.25 -5.48
C TRP B 141 -7.46 5.70 -5.75
N GLY B 142 -6.17 6.04 -5.80
CA GLY B 142 -5.76 7.41 -6.03
C GLY B 142 -5.87 7.88 -7.45
N ASN B 143 -5.47 9.14 -7.67
CA ASN B 143 -5.63 9.70 -9.01
C ASN B 143 -5.04 8.91 -10.16
N LEU B 144 -5.74 9.02 -11.30
CA LEU B 144 -5.31 8.34 -12.51
C LEU B 144 -4.27 9.12 -13.31
N LYS B 145 -4.03 10.36 -12.91
CA LYS B 145 -3.00 11.14 -13.62
C LYS B 145 -2.62 12.32 -12.75
N GLU B 146 -1.51 12.96 -13.11
CA GLU B 146 -0.99 14.00 -12.24
C GLU B 146 -1.85 15.26 -12.21
N THR B 147 -2.47 15.63 -13.33
CA THR B 147 -3.38 16.77 -13.32
C THR B 147 -4.59 16.53 -14.23
N GLY B 155 -9.47 11.48 -14.02
CA GLY B 155 -9.72 11.90 -12.65
C GLY B 155 -9.46 10.79 -11.64
N GLN B 156 -10.52 10.32 -11.00
CA GLN B 156 -10.47 9.23 -10.02
C GLN B 156 -11.04 7.95 -10.63
N PRO B 157 -10.58 6.76 -10.23
CA PRO B 157 -11.07 5.51 -10.86
C PRO B 157 -12.37 5.05 -10.25
N SER B 158 -13.14 4.26 -11.00
CA SER B 158 -14.33 3.66 -10.41
C SER B 158 -13.98 2.45 -9.52
N VAL B 159 -12.89 1.77 -9.83
CA VAL B 159 -12.53 0.62 -8.99
C VAL B 159 -11.01 0.58 -8.72
N LEU B 160 -10.64 -0.21 -7.74
CA LEU B 160 -9.23 -0.40 -7.36
C LEU B 160 -8.35 -0.62 -8.58
N GLN B 161 -7.21 0.07 -8.62
CA GLN B 161 -6.29 -0.02 -9.73
C GLN B 161 -5.00 -0.76 -9.30
N VAL B 162 -4.35 -1.35 -10.26
CA VAL B 162 -3.12 -2.11 -10.02
CA VAL B 162 -3.13 -2.13 -10.04
C VAL B 162 -2.07 -1.79 -11.07
N VAL B 163 -0.81 -1.75 -10.65
CA VAL B 163 0.29 -1.56 -11.62
C VAL B 163 1.52 -2.32 -11.13
N ASN B 164 2.24 -3.01 -11.98
CA ASN B 164 3.48 -3.70 -11.60
C ASN B 164 4.69 -2.84 -12.02
N LEU B 165 5.64 -2.67 -11.13
CA LEU B 165 6.77 -1.75 -11.31
C LEU B 165 8.07 -2.35 -10.81
N PRO B 166 9.16 -2.15 -11.55
CA PRO B 166 10.47 -2.64 -11.17
C PRO B 166 11.17 -1.74 -10.15
N ILE B 167 11.76 -2.41 -9.18
CA ILE B 167 12.61 -1.73 -8.21
C ILE B 167 13.76 -1.08 -8.96
N VAL B 168 14.17 0.10 -8.52
CA VAL B 168 15.24 0.79 -9.26
C VAL B 168 16.51 0.84 -8.44
N GLU B 169 17.70 0.84 -9.11
CA GLU B 169 18.93 0.85 -8.34
C GLU B 169 19.12 2.15 -7.55
N ARG B 170 19.66 2.05 -6.35
CA ARG B 170 19.81 3.16 -5.41
C ARG B 170 20.48 4.36 -6.08
N PRO B 171 21.58 4.27 -6.81
CA PRO B 171 22.15 5.45 -7.46
C PRO B 171 21.22 6.14 -8.45
N VAL B 172 20.40 5.45 -9.21
CA VAL B 172 19.42 6.04 -10.10
C VAL B 172 18.33 6.72 -9.29
N CYS B 173 17.85 6.11 -8.19
CA CYS B 173 16.93 6.75 -7.27
C CYS B 173 17.47 8.09 -6.80
N LYS B 174 18.71 8.02 -6.32
CA LYS B 174 19.28 9.26 -5.73
C LYS B 174 19.49 10.34 -6.77
N ASP B 175 19.91 9.94 -7.98
CA ASP B 175 20.20 10.96 -8.98
C ASP B 175 18.96 11.53 -9.65
N SER B 176 17.78 11.05 -9.28
CA SER B 176 16.55 11.52 -9.91
C SER B 176 15.94 12.63 -9.08
N THR B 177 16.56 12.90 -7.93
CA THR B 177 15.89 13.86 -7.04
C THR B 177 16.92 14.69 -6.28
N ARG B 178 16.47 15.84 -5.79
CA ARG B 178 17.28 16.68 -4.90
C ARG B 178 17.00 16.30 -3.46
N ILE B 179 15.99 15.49 -3.17
CA ILE B 179 15.72 15.08 -1.80
C ILE B 179 16.75 14.10 -1.28
N ARG B 180 17.03 14.13 0.03
CA ARG B 180 18.01 13.21 0.60
C ARG B 180 17.33 11.84 0.79
N ILE B 181 17.79 10.83 0.09
CA ILE B 181 17.16 9.49 0.19
C ILE B 181 17.81 8.71 1.30
N THR B 182 17.11 7.88 2.04
CA THR B 182 17.67 7.14 3.16
C THR B 182 17.52 5.62 2.88
N ASP B 183 18.16 4.83 3.74
CA ASP B 183 18.09 3.38 3.71
C ASP B 183 16.67 2.88 4.06
N ASN B 184 15.84 3.77 4.56
CA ASN B 184 14.47 3.34 4.92
C ASN B 184 13.49 3.59 3.79
N MET B 185 14.06 3.82 2.61
CA MET B 185 13.25 4.05 1.43
C MET B 185 13.82 3.21 0.30
N PHE B 186 12.97 2.89 -0.69
CA PHE B 186 13.44 2.41 -1.99
C PHE B 186 12.56 3.06 -3.07
N CYS B 187 13.06 3.04 -4.31
CA CYS B 187 12.22 3.60 -5.36
C CYS B 187 11.96 2.56 -6.45
N ALA B 188 10.88 2.77 -7.19
CA ALA B 188 10.41 1.85 -8.21
C ALA B 188 9.75 2.58 -9.37
N GLY B 189 9.82 1.95 -10.56
CA GLY B 189 9.22 2.53 -11.75
C GLY B 189 10.14 2.29 -12.96
N TYR B 190 9.61 2.54 -14.15
CA TYR B 190 10.39 2.33 -15.36
C TYR B 190 11.25 3.54 -15.71
N LYS B 191 12.38 3.27 -16.37
CA LYS B 191 13.20 4.38 -16.87
C LYS B 191 12.60 4.88 -18.17
N PRO B 192 12.89 6.12 -18.57
CA PRO B 192 12.40 6.60 -19.87
C PRO B 192 12.83 5.64 -20.96
N ASP B 193 14.06 5.16 -20.79
CA ASP B 193 14.62 4.22 -21.75
C ASP B 193 13.76 2.97 -21.89
N GLU B 194 12.95 2.64 -20.88
CA GLU B 194 12.32 1.32 -20.85
C GLU B 194 10.98 1.29 -21.54
N GLY B 195 10.40 2.42 -21.95
CA GLY B 195 9.15 2.21 -22.71
C GLY B 195 7.97 2.18 -21.76
N LYS B 196 7.66 1.04 -21.16
CA LYS B 196 6.56 0.91 -20.23
C LYS B 196 6.52 2.03 -19.20
N ARG B 197 5.32 2.31 -18.65
CA ARG B 197 5.34 3.34 -17.58
C ARG B 197 4.35 2.99 -16.49
N GLY B 198 4.00 3.94 -15.64
CA GLY B 198 3.16 3.71 -14.49
C GLY B 198 3.73 4.20 -13.18
N ASP B 199 2.85 4.48 -12.23
CA ASP B 199 3.29 5.06 -10.95
C ASP B 199 2.13 5.09 -10.01
N ALA B 200 2.43 5.27 -8.73
CA ALA B 200 1.42 5.68 -7.77
C ALA B 200 1.18 7.18 -7.87
N CYS B 201 0.15 7.65 -7.21
CA CYS B 201 -0.15 9.09 -7.23
C CYS B 201 -0.88 9.47 -5.97
N GLU B 202 -1.22 10.74 -5.83
CA GLU B 202 -2.03 11.21 -4.72
C GLU B 202 -3.26 10.33 -4.48
N GLY B 203 -3.49 9.97 -3.23
CA GLY B 203 -4.61 9.09 -2.88
C GLY B 203 -4.17 7.63 -2.75
N ASP B 204 -3.05 7.31 -3.38
CA ASP B 204 -2.48 5.96 -3.25
C ASP B 204 -1.60 5.82 -2.00
N SER B 205 -1.17 6.95 -1.43
CA SER B 205 -0.42 7.01 -0.21
C SER B 205 -0.83 5.98 0.83
N GLY B 206 0.12 5.34 1.48
CA GLY B 206 -0.14 4.42 2.57
C GLY B 206 -0.45 3.01 2.07
N GLY B 207 -0.75 2.87 0.78
CA GLY B 207 -1.04 1.53 0.26
C GLY B 207 0.21 0.70 0.02
N PRO B 208 0.03 -0.61 -0.22
CA PRO B 208 1.16 -1.53 -0.28
C PRO B 208 1.85 -1.74 -1.62
N PHE B 209 3.17 -1.93 -1.49
CA PHE B 209 3.95 -2.45 -2.61
C PHE B 209 4.27 -3.90 -2.24
N VAL B 210 3.69 -4.81 -3.05
CA VAL B 210 3.82 -6.23 -2.69
C VAL B 210 4.61 -7.01 -3.74
N MET B 211 5.19 -8.11 -3.28
CA MET B 211 5.90 -9.01 -4.19
C MET B 211 5.49 -10.44 -3.88
N LYS B 212 5.44 -11.30 -4.90
CA LYS B 212 5.05 -12.68 -4.60
C LYS B 212 6.30 -13.53 -4.52
N SER B 213 6.54 -14.07 -3.33
CA SER B 213 7.77 -14.84 -3.15
C SER B 213 7.72 -16.08 -4.05
N PRO B 214 8.78 -16.31 -4.82
CA PRO B 214 8.81 -17.55 -5.62
C PRO B 214 9.24 -18.78 -4.81
N PHE B 215 9.66 -18.59 -3.58
CA PHE B 215 10.04 -19.64 -2.66
C PHE B 215 8.85 -20.32 -2.01
N ASN B 216 7.85 -19.55 -1.54
CA ASN B 216 6.69 -20.18 -0.91
C ASN B 216 5.35 -19.73 -1.50
N ASN B 217 5.42 -18.99 -2.61
CA ASN B 217 4.22 -18.51 -3.32
C ASN B 217 3.28 -17.68 -2.47
N ARG B 218 3.81 -16.94 -1.49
CA ARG B 218 3.03 -16.03 -0.68
C ARG B 218 3.33 -14.56 -1.04
N TRP B 219 2.29 -13.73 -0.88
CA TRP B 219 2.55 -12.30 -1.13
C TRP B 219 3.09 -11.58 0.12
N TYR B 220 4.13 -10.80 -0.09
CA TYR B 220 4.75 -10.04 0.98
C TYR B 220 4.67 -8.53 0.72
N GLN B 221 4.39 -7.76 1.78
CA GLN B 221 4.41 -6.31 1.57
C GLN B 221 5.81 -5.78 1.82
N MET B 222 6.51 -5.39 0.75
CA MET B 222 7.85 -4.88 0.88
C MET B 222 7.85 -3.37 1.06
N GLY B 223 6.83 -2.64 0.58
CA GLY B 223 6.93 -1.18 0.68
C GLY B 223 5.60 -0.55 1.02
N ILE B 224 5.65 0.73 1.41
CA ILE B 224 4.43 1.52 1.56
C ILE B 224 4.52 2.73 0.65
N VAL B 225 3.46 2.99 -0.10
CA VAL B 225 3.48 4.19 -0.97
C VAL B 225 3.75 5.43 -0.16
N SER B 226 4.88 6.13 -0.41
CA SER B 226 5.24 7.26 0.47
C SER B 226 5.26 8.59 -0.26
N TRP B 227 6.06 8.76 -1.30
CA TRP B 227 6.15 10.08 -1.93
C TRP B 227 6.69 9.96 -3.34
N GLY B 228 6.49 11.09 -4.02
CA GLY B 228 6.95 11.20 -5.39
C GLY B 228 6.78 12.67 -5.81
N GLU B 229 7.55 13.08 -6.78
CA GLU B 229 7.48 14.43 -7.33
C GLU B 229 6.66 14.35 -8.62
N GLY B 230 5.42 14.81 -8.58
CA GLY B 230 4.47 14.54 -9.64
C GLY B 230 4.10 13.06 -9.65
N CYS B 231 3.54 12.58 -10.74
CA CYS B 231 3.15 11.19 -10.93
C CYS B 231 3.47 10.78 -12.36
N ASP B 232 4.19 9.68 -12.47
CA ASP B 232 4.54 9.06 -13.74
C ASP B 232 5.29 10.07 -14.61
N ARG B 233 6.14 10.91 -14.01
CA ARG B 233 6.97 11.79 -14.82
C ARG B 233 8.16 11.04 -15.39
N ASP B 234 8.62 11.31 -16.61
CA ASP B 234 9.86 10.67 -17.09
C ASP B 234 11.01 11.10 -16.19
N GLY B 235 11.91 10.13 -15.90
CA GLY B 235 13.10 10.40 -15.14
C GLY B 235 12.87 10.50 -13.64
N LYS B 236 11.63 10.41 -13.15
CA LYS B 236 11.30 10.42 -11.74
C LYS B 236 10.74 9.05 -11.35
N TYR B 237 10.76 8.74 -10.05
CA TYR B 237 10.46 7.39 -9.57
C TYR B 237 9.59 7.50 -8.33
N GLY B 238 8.76 6.48 -8.06
CA GLY B 238 8.00 6.63 -6.81
C GLY B 238 8.83 6.09 -5.66
N PHE B 239 8.68 6.65 -4.45
CA PHE B 239 9.44 6.25 -3.27
C PHE B 239 8.49 5.55 -2.29
N TYR B 240 9.00 4.49 -1.69
CA TYR B 240 8.29 3.57 -0.82
C TYR B 240 9.03 3.43 0.49
N THR B 241 8.27 3.40 1.57
CA THR B 241 8.87 3.04 2.86
C THR B 241 9.36 1.61 2.84
N HIS B 242 10.58 1.41 3.34
CA HIS B 242 11.14 0.05 3.33
C HIS B 242 10.67 -0.74 4.53
N VAL B 243 9.63 -1.61 4.31
CA VAL B 243 8.97 -2.20 5.48
C VAL B 243 9.91 -3.05 6.30
N PHE B 244 10.78 -3.82 5.67
CA PHE B 244 11.64 -4.71 6.43
C PHE B 244 12.59 -3.91 7.32
N ARG B 245 13.07 -2.76 6.82
CA ARG B 245 13.97 -1.99 7.67
C ARG B 245 13.30 -1.48 8.94
N LEU B 246 11.97 -1.41 8.97
CA LEU B 246 11.28 -0.84 10.12
C LEU B 246 10.55 -1.91 10.91
N LYS B 247 10.86 -3.17 10.58
CA LYS B 247 10.07 -4.24 11.15
C LYS B 247 10.25 -4.34 12.66
N LYS B 248 11.41 -3.90 13.11
CA LYS B 248 11.69 -3.97 14.55
C LYS B 248 10.69 -3.10 15.29
N TRP B 249 10.41 -1.92 14.75
CA TRP B 249 9.42 -1.04 15.34
C TRP B 249 8.03 -1.66 15.26
N ILE B 250 7.69 -2.30 14.14
CA ILE B 250 6.38 -2.92 13.94
C ILE B 250 6.14 -4.00 14.98
N GLN B 251 7.17 -4.84 15.15
CA GLN B 251 7.03 -5.94 16.10
C GLN B 251 6.87 -5.48 17.54
N LYS B 252 7.70 -4.50 17.88
CA LYS B 252 7.60 -3.94 19.24
C LYS B 252 6.20 -3.41 19.48
N VAL B 253 5.62 -2.65 18.55
CA VAL B 253 4.31 -2.06 18.77
C VAL B 253 3.26 -3.14 19.00
N ILE B 254 3.30 -4.13 18.10
CA ILE B 254 2.37 -5.24 18.15
C ILE B 254 2.63 -6.10 19.38
N ASP B 255 3.90 -6.29 19.73
CA ASP B 255 4.21 -7.10 20.90
C ASP B 255 3.84 -6.43 22.23
N GLN B 256 3.90 -5.10 22.28
CA GLN B 256 3.53 -4.44 23.54
C GLN B 256 2.02 -4.20 23.58
N PHE B 257 1.44 -3.86 22.43
CA PHE B 257 0.01 -3.62 22.34
C PHE B 257 -0.66 -4.79 21.63
N GLY C 1 -18.57 12.57 -1.17
CA GLY C 1 -18.99 13.51 -2.22
C GLY C 1 -19.44 12.76 -3.46
N ASP C 2 -18.50 12.02 -4.04
CA ASP C 2 -18.76 11.07 -5.11
C ASP C 2 -19.11 9.74 -4.45
N PHE C 3 -18.91 9.75 -3.14
CA PHE C 3 -19.03 8.61 -2.27
C PHE C 3 -20.45 8.35 -1.79
N GLU C 4 -20.84 7.10 -1.98
CA GLU C 4 -22.12 6.63 -1.45
C GLU C 4 -22.04 6.72 0.06
N GLU C 5 -23.05 7.31 0.71
CA GLU C 5 -22.91 7.50 2.16
C GLU C 5 -22.88 6.14 2.83
N ILE C 6 -22.29 6.02 4.01
CA ILE C 6 -22.20 4.69 4.60
C ILE C 6 -23.28 4.51 5.66
N PRO C 7 -23.54 3.28 6.07
CA PRO C 7 -24.46 3.03 7.18
C PRO C 7 -24.18 3.94 8.36
N GLU C 8 -25.24 4.63 8.81
CA GLU C 8 -25.16 5.49 9.97
C GLU C 8 -24.50 4.79 11.15
N GLU C 9 -24.70 3.47 11.27
CA GLU C 9 -24.11 2.80 12.41
C GLU C 9 -22.60 2.95 12.43
N TYS C 10 -21.99 3.18 11.27
CA TYS C 10 -20.48 3.29 11.41
CB TYS C 10 -19.78 2.85 10.11
CG TYS C 10 -20.17 1.44 9.74
CD1 TYS C 10 -19.77 0.35 10.55
CD2 TYS C 10 -20.89 1.22 8.55
CE1 TYS C 10 -20.11 -0.97 10.17
CE2 TYS C 10 -21.27 -0.09 8.20
CZ TYS C 10 -20.88 -1.18 9.01
OH TYS C 10 -21.23 -2.46 8.66
S TYS C 10 -20.23 -3.27 7.79
O1 TYS C 10 -18.99 -3.61 8.60
O2 TYS C 10 -20.94 -4.52 7.68
O3 TYS C 10 -19.98 -2.51 6.61
C TYS C 10 -20.06 4.72 11.75
O TYS C 10 -18.95 4.85 12.23
NA NA D . 8.79 7.99 -13.97
NA NA E . 20.21 13.61 -6.04
C17 24U F . 8.24 14.87 -1.43
C33 24U F . 7.40 15.24 -2.69
C15 24U F . 5.92 15.52 -2.27
C14 24U F . 5.35 14.29 -1.59
O32 24U F . 5.36 13.28 -2.29
N1 24U F . 4.89 14.34 -0.32
C1 24U F . 4.14 13.23 0.25
C7 24U F . 3.07 12.88 -0.76
O22 24U F . 2.51 13.78 -1.37
C2 24U F . 3.48 13.88 1.49
C3 24U F . 4.45 15.05 1.81
C4 24U F . 4.71 15.62 0.39
N23 24U F . 2.79 11.57 -0.95
C24 24U F . 1.72 11.31 -1.95
C25 24U F . 2.39 10.67 -3.18
C26 24U F . 2.80 11.50 -4.24
C27 24U F . 3.41 10.93 -5.35
C28 24U F . 3.61 9.54 -5.41
C21 24U F . 4.31 8.92 -6.72
N47 24U F . 4.40 9.67 -7.77
N46 24U F . 4.77 7.69 -6.66
C29 24U F . 3.21 8.72 -4.37
C30 24U F . 2.60 9.30 -3.25
C1 BEN G . 13.66 15.88 -12.02
C2 BEN G . 13.27 15.25 -10.84
C3 BEN G . 12.11 15.65 -10.19
C4 BEN G . 11.35 16.70 -10.71
C5 BEN G . 11.74 17.35 -11.89
C6 BEN G . 12.90 16.94 -12.55
C BEN G . 14.99 15.42 -12.79
N1 BEN G . 15.58 16.35 -13.52
N2 BEN G . 15.43 14.20 -12.68
#